data_4QHQ
#
_entry.id   4QHQ
#
_cell.length_a   31.630
_cell.length_b   67.170
_cell.length_c   55.480
_cell.angle_alpha   90.000
_cell.angle_beta   101.600
_cell.angle_gamma   90.000
#
_symmetry.space_group_name_H-M   'P 1 21 1'
#
loop_
_entity.id
_entity.type
_entity.pdbx_description
1 polymer Lipoprotein
2 non-polymer METHIONINE
3 non-polymer DI(HYDROXYETHYL)ETHER
4 water water
#
_entity_poly.entity_id   1
_entity_poly.type   'polypeptide(L)'
_entity_poly.pdbx_seq_one_letter_code
;VIKVGTVAGPDSEVWQVVQKVAKEKEGLNVKVIEFNDYVQPNAALDSGDLDANSFQHQPYLDSQVKQRGYKIVSAGLTYI
SPIGVYSKKFKSLKDLPQGAKLAVPNDPSNENRALLLLQTQGVIKLKAGAGTGGNNATVLDIAENPKKLKISELDAAQLP
RVLSDVDAAVINTNYALAANLQPTKDAIALESLTSPYANLIAVRAKDKDQPWVKKLVKAYQSPEVKEFIKKQFKGSMVAS
F
;
_entity_poly.pdbx_strand_id   A
#
loop_
_chem_comp.id
_chem_comp.type
_chem_comp.name
_chem_comp.formula
PEG non-polymer DI(HYDROXYETHYL)ETHER 'C4 H10 O3'
#
# COMPACT_ATOMS: atom_id res chain seq x y z
N VAL A 1 18.24 -20.22 1.05
CA VAL A 1 17.59 -19.31 1.97
C VAL A 1 16.97 -18.15 1.20
N ILE A 2 15.65 -18.06 1.25
CA ILE A 2 14.93 -17.03 0.52
C ILE A 2 14.64 -15.81 1.38
N LYS A 3 15.29 -14.70 1.05
CA LYS A 3 15.13 -13.46 1.79
C LYS A 3 14.01 -12.63 1.18
N VAL A 4 12.94 -12.44 1.95
CA VAL A 4 11.78 -11.69 1.48
C VAL A 4 11.65 -10.41 2.28
N GLY A 5 11.73 -9.29 1.60
CA GLY A 5 11.55 -7.98 2.23
C GLY A 5 10.10 -7.59 2.36
N THR A 6 9.74 -7.04 3.51
CA THR A 6 8.39 -6.56 3.69
C THR A 6 8.39 -5.37 4.63
N VAL A 7 7.25 -4.72 4.76
CA VAL A 7 7.14 -3.56 5.65
C VAL A 7 6.60 -4.01 7.00
N ALA A 8 7.24 -3.54 8.07
CA ALA A 8 6.78 -3.84 9.43
C ALA A 8 5.31 -3.50 9.57
N GLY A 9 4.58 -4.35 10.29
CA GLY A 9 3.15 -4.16 10.43
C GLY A 9 2.39 -5.36 9.91
N PRO A 10 1.19 -5.12 9.35
CA PRO A 10 0.36 -6.21 8.82
C PRO A 10 1.10 -7.11 7.84
N ASP A 11 1.94 -6.55 6.97
CA ASP A 11 2.66 -7.39 6.02
C ASP A 11 3.61 -8.36 6.73
N SER A 12 4.35 -7.88 7.72
CA SER A 12 5.26 -8.75 8.44
CA SER A 12 5.26 -8.76 8.45
CA SER A 12 5.25 -8.75 8.45
C SER A 12 4.49 -9.82 9.21
N GLU A 13 3.33 -9.45 9.76
CA GLU A 13 2.49 -10.43 10.43
C GLU A 13 2.09 -11.54 9.47
N VAL A 14 1.54 -11.17 8.31
CA VAL A 14 1.16 -12.16 7.31
C VAL A 14 2.33 -13.06 6.94
N TRP A 15 3.50 -12.45 6.81
CA TRP A 15 4.67 -13.22 6.41
C TRP A 15 5.16 -14.23 7.43
N GLN A 16 4.83 -14.06 8.70
CA GLN A 16 5.09 -15.09 9.68
C GLN A 16 4.30 -16.36 9.33
N VAL A 17 3.07 -16.18 8.86
CA VAL A 17 2.28 -17.32 8.43
C VAL A 17 2.84 -17.91 7.14
N VAL A 18 3.18 -17.04 6.18
CA VAL A 18 3.69 -17.52 4.91
C VAL A 18 5.00 -18.30 5.13
N GLN A 19 5.83 -17.81 6.04
CA GLN A 19 7.08 -18.47 6.39
C GLN A 19 6.83 -19.90 6.85
N LYS A 20 5.80 -20.07 7.68
CA LYS A 20 5.45 -21.39 8.19
C LYS A 20 4.93 -22.31 7.08
N VAL A 21 4.01 -21.80 6.26
CA VAL A 21 3.46 -22.56 5.13
C VAL A 21 4.56 -22.93 4.13
N ALA A 22 5.42 -21.97 3.81
CA ALA A 22 6.50 -22.23 2.87
C ALA A 22 7.39 -23.39 3.32
N LYS A 23 7.67 -23.45 4.61
CA LYS A 23 8.46 -24.55 5.13
C LYS A 23 7.72 -25.87 5.08
N GLU A 24 6.49 -25.88 5.60
CA GLU A 24 5.75 -27.12 5.77
C GLU A 24 5.21 -27.71 4.46
N LYS A 25 4.82 -26.85 3.54
CA LYS A 25 4.16 -27.29 2.32
C LYS A 25 5.09 -27.25 1.12
N GLU A 26 6.06 -26.34 1.13
CA GLU A 26 6.91 -26.15 -0.04
C GLU A 26 8.40 -26.42 0.20
N GLY A 27 8.74 -26.79 1.43
CA GLY A 27 10.14 -27.08 1.76
C GLY A 27 11.09 -25.89 1.64
N LEU A 28 10.55 -24.68 1.59
CA LEU A 28 11.34 -23.47 1.45
C LEU A 28 11.76 -22.89 2.80
N ASN A 29 12.99 -22.38 2.85
CA ASN A 29 13.49 -21.67 4.03
C ASN A 29 13.39 -20.17 3.79
N VAL A 30 12.31 -19.57 4.30
CA VAL A 30 12.06 -18.15 4.08
C VAL A 30 12.51 -17.32 5.28
N LYS A 31 13.26 -16.26 5.01
CA LYS A 31 13.59 -15.30 6.05
C LYS A 31 12.89 -13.98 5.75
N VAL A 32 12.21 -13.44 6.75
CA VAL A 32 11.45 -12.22 6.55
C VAL A 32 12.26 -11.04 7.04
N ILE A 33 12.62 -10.17 6.10
CA ILE A 33 13.43 -8.99 6.40
C ILE A 33 12.51 -7.78 6.43
N GLU A 34 12.43 -7.12 7.57
CA GLU A 34 11.50 -6.01 7.75
C GLU A 34 12.11 -4.65 7.48
N PHE A 35 11.33 -3.79 6.83
CA PHE A 35 11.71 -2.42 6.55
C PHE A 35 10.64 -1.54 7.17
N ASN A 36 11.02 -0.33 7.54
CA ASN A 36 10.10 0.56 8.24
C ASN A 36 9.17 1.31 7.29
N ASP A 37 9.59 1.51 6.05
CA ASP A 37 8.76 2.23 5.09
C ASP A 37 8.92 1.68 3.65
N TYR A 38 8.37 2.39 2.67
CA TYR A 38 8.26 1.87 1.31
C TYR A 38 9.52 2.07 0.51
N VAL A 39 10.46 2.84 1.05
CA VAL A 39 11.54 3.42 0.25
C VAL A 39 12.58 2.42 -0.23
N GLN A 40 12.93 1.46 0.61
CA GLN A 40 14.08 0.61 0.31
C GLN A 40 13.88 -0.78 -0.29
N PRO A 41 12.72 -1.44 -0.08
CA PRO A 41 12.72 -2.86 -0.52
C PRO A 41 12.99 -3.11 -2.00
N ASN A 42 12.61 -2.23 -2.92
CA ASN A 42 12.92 -2.48 -4.32
C ASN A 42 14.41 -2.34 -4.62
N ALA A 43 15.06 -1.34 -4.03
CA ALA A 43 16.50 -1.16 -4.19
C ALA A 43 17.25 -2.38 -3.64
N ALA A 44 16.73 -2.91 -2.54
CA ALA A 44 17.35 -4.05 -1.88
C ALA A 44 17.16 -5.32 -2.70
N LEU A 45 16.02 -5.43 -3.37
CA LEU A 45 15.79 -6.53 -4.31
C LEU A 45 16.66 -6.41 -5.56
N ASP A 46 16.74 -5.21 -6.11
CA ASP A 46 17.53 -4.95 -7.30
C ASP A 46 19.01 -5.27 -7.05
N SER A 47 19.49 -5.02 -5.83
CA SER A 47 20.91 -5.14 -5.50
C SER A 47 21.31 -6.57 -5.14
N GLY A 48 20.33 -7.44 -4.91
CA GLY A 48 20.63 -8.83 -4.60
C GLY A 48 20.48 -9.12 -3.11
N ASP A 49 20.32 -8.08 -2.31
CA ASP A 49 20.20 -8.25 -0.86
C ASP A 49 18.94 -9.02 -0.48
N LEU A 50 17.90 -8.88 -1.29
CA LEU A 50 16.70 -9.68 -1.13
C LEU A 50 16.50 -10.56 -2.35
N ASP A 51 15.75 -11.63 -2.16
CA ASP A 51 15.27 -12.44 -3.28
C ASP A 51 13.86 -12.07 -3.77
N ALA A 52 13.05 -11.50 -2.88
CA ALA A 52 11.72 -11.07 -3.25
C ALA A 52 11.30 -9.98 -2.28
N ASN A 53 10.27 -9.23 -2.64
CA ASN A 53 9.62 -8.37 -1.66
C ASN A 53 8.12 -8.45 -1.78
N SER A 54 7.43 -7.97 -0.75
CA SER A 54 5.99 -8.10 -0.66
C SER A 54 5.46 -6.94 0.15
N PHE A 55 5.26 -5.82 -0.53
CA PHE A 55 4.87 -4.59 0.17
C PHE A 55 4.14 -3.58 -0.71
N GLN A 56 4.06 -3.80 -2.02
CA GLN A 56 3.61 -2.74 -2.91
C GLN A 56 2.52 -3.17 -3.87
N HIS A 57 1.86 -2.19 -4.47
CA HIS A 57 0.95 -2.43 -5.59
C HIS A 57 1.63 -2.13 -6.93
N GLN A 58 0.99 -2.51 -8.03
CA GLN A 58 1.58 -2.31 -9.35
C GLN A 58 1.85 -0.84 -9.72
N PRO A 59 0.93 0.08 -9.39
CA PRO A 59 1.24 1.49 -9.68
C PRO A 59 2.50 1.95 -8.96
N TYR A 60 2.72 1.49 -7.74
CA TYR A 60 3.95 1.86 -7.03
C TYR A 60 5.20 1.27 -7.73
N LEU A 61 5.14 -0.02 -8.09
CA LEU A 61 6.25 -0.66 -8.78
C LEU A 61 6.53 0.05 -10.10
N ASP A 62 5.46 0.40 -10.83
CA ASP A 62 5.63 1.11 -12.11
C ASP A 62 6.34 2.45 -11.92
N SER A 63 5.97 3.17 -10.87
CA SER A 63 6.60 4.45 -10.56
C SER A 63 8.08 4.24 -10.24
N GLN A 64 8.36 3.22 -9.45
CA GLN A 64 9.75 2.90 -9.11
C GLN A 64 10.59 2.50 -10.32
N VAL A 65 9.98 1.74 -11.24
CA VAL A 65 10.65 1.37 -12.47
C VAL A 65 10.92 2.62 -13.32
N LYS A 66 9.98 3.54 -13.34
CA LYS A 66 10.16 4.76 -14.13
C LYS A 66 11.30 5.61 -13.57
N GLN A 67 11.44 5.58 -12.25
CA GLN A 67 12.47 6.38 -11.58
C GLN A 67 13.86 5.76 -11.61
N ARG A 68 13.93 4.43 -11.48
CA ARG A 68 15.21 3.76 -11.25
C ARG A 68 15.53 2.68 -12.27
N GLY A 69 14.60 2.37 -13.17
CA GLY A 69 14.82 1.36 -14.19
C GLY A 69 15.00 -0.05 -13.66
N TYR A 70 14.46 -0.31 -12.47
CA TYR A 70 14.56 -1.63 -11.85
C TYR A 70 14.05 -2.73 -12.77
N LYS A 71 14.80 -3.82 -12.85
CA LYS A 71 14.36 -5.01 -13.59
C LYS A 71 13.62 -5.94 -12.63
N ILE A 72 12.43 -5.51 -12.22
CA ILE A 72 11.66 -6.17 -11.19
C ILE A 72 10.23 -6.34 -11.68
N VAL A 73 9.65 -7.51 -11.44
CA VAL A 73 8.31 -7.82 -11.93
C VAL A 73 7.49 -8.51 -10.86
N SER A 74 6.18 -8.47 -11.03
CA SER A 74 5.28 -9.18 -10.15
C SER A 74 5.33 -10.68 -10.41
N ALA A 75 5.37 -11.44 -9.33
CA ALA A 75 5.26 -12.88 -9.41
C ALA A 75 3.84 -13.34 -9.03
N GLY A 76 3.03 -12.42 -8.52
CA GLY A 76 1.67 -12.77 -8.13
C GLY A 76 1.09 -11.82 -7.12
N LEU A 77 -0.23 -11.84 -7.00
CA LEU A 77 -0.92 -10.90 -6.15
C LEU A 77 -1.09 -11.44 -4.73
N THR A 78 -1.22 -10.52 -3.78
CA THR A 78 -1.32 -10.90 -2.38
C THR A 78 -2.68 -10.50 -1.78
N TYR A 79 -2.86 -9.22 -1.48
CA TYR A 79 -4.13 -8.72 -0.99
C TYR A 79 -4.32 -7.31 -1.50
N ILE A 80 -5.57 -6.83 -1.42
CA ILE A 80 -5.90 -5.44 -1.69
C ILE A 80 -6.43 -4.82 -0.40
N SER A 81 -6.15 -3.54 -0.20
CA SER A 81 -6.52 -2.88 1.04
C SER A 81 -6.95 -1.46 0.74
N PRO A 82 -8.25 -1.25 0.51
CA PRO A 82 -8.80 0.07 0.19
C PRO A 82 -8.29 1.16 1.14
N ILE A 83 -7.79 2.24 0.56
CA ILE A 83 -7.21 3.30 1.36
C ILE A 83 -8.32 4.15 1.97
N GLY A 84 -8.09 4.57 3.20
CA GLY A 84 -9.09 5.34 3.91
C GLY A 84 -8.68 6.76 4.23
N VAL A 85 -9.69 7.56 4.55
CA VAL A 85 -9.51 8.90 5.08
C VAL A 85 -9.83 8.82 6.57
N TYR A 86 -8.95 9.42 7.39
CA TYR A 86 -9.05 9.36 8.84
C TYR A 86 -9.07 10.76 9.41
N SER A 87 -9.71 10.90 10.56
CA SER A 87 -9.79 12.19 11.23
C SER A 87 -10.02 11.99 12.70
N LYS A 88 -9.35 12.81 13.50
CA LYS A 88 -9.58 12.84 14.93
C LYS A 88 -10.53 13.96 15.28
N LYS A 89 -10.98 14.70 14.26
CA LYS A 89 -11.71 15.95 14.50
C LYS A 89 -13.08 16.01 13.82
N PHE A 90 -13.30 15.20 12.80
CA PHE A 90 -14.56 15.25 12.02
C PHE A 90 -15.04 13.85 11.65
N LYS A 91 -16.35 13.69 11.54
CA LYS A 91 -16.95 12.38 11.26
C LYS A 91 -17.20 12.16 9.77
N SER A 92 -17.12 13.25 9.01
CA SER A 92 -17.33 13.18 7.57
C SER A 92 -16.51 14.26 6.87
N LEU A 93 -16.07 13.97 5.65
CA LEU A 93 -15.41 14.96 4.81
C LEU A 93 -16.34 16.15 4.55
N LYS A 94 -17.65 15.92 4.59
CA LYS A 94 -18.61 17.00 4.42
C LYS A 94 -18.55 18.03 5.55
N ASP A 95 -18.03 17.59 6.70
CA ASP A 95 -17.86 18.43 7.88
C ASP A 95 -16.60 19.31 7.85
N LEU A 96 -15.73 19.11 6.86
CA LEU A 96 -14.51 19.90 6.82
C LEU A 96 -14.79 21.38 6.74
N PRO A 97 -14.12 22.17 7.58
CA PRO A 97 -14.29 23.62 7.55
C PRO A 97 -13.56 24.26 6.37
N GLN A 98 -13.87 25.52 6.12
CA GLN A 98 -13.12 26.33 5.17
C GLN A 98 -11.67 26.34 5.60
N GLY A 99 -10.77 26.09 4.64
CA GLY A 99 -9.36 26.16 4.91
C GLY A 99 -8.84 24.97 5.69
N ALA A 100 -9.63 23.90 5.75
CA ALA A 100 -9.26 22.69 6.46
C ALA A 100 -7.92 22.15 5.98
N LYS A 101 -7.13 21.63 6.92
CA LYS A 101 -5.84 21.04 6.60
C LYS A 101 -6.00 19.54 6.37
N LEU A 102 -5.54 19.07 5.22
CA LEU A 102 -5.51 17.63 4.94
C LEU A 102 -4.06 17.21 4.71
N ALA A 103 -3.80 15.93 4.87
CA ALA A 103 -2.50 15.38 4.56
C ALA A 103 -2.67 14.13 3.71
N VAL A 104 -1.82 14.02 2.69
CA VAL A 104 -1.81 12.85 1.81
C VAL A 104 -0.36 12.35 1.63
N PRO A 105 -0.20 11.08 1.19
CA PRO A 105 1.16 10.60 0.88
C PRO A 105 1.86 11.44 -0.20
N ASN A 106 3.18 11.39 -0.22
CA ASN A 106 3.95 12.22 -1.14
C ASN A 106 4.73 11.45 -2.23
N ASP A 107 4.52 10.15 -2.32
CA ASP A 107 5.12 9.37 -3.40
C ASP A 107 4.13 9.38 -4.55
N PRO A 108 4.62 9.33 -5.79
CA PRO A 108 3.78 9.60 -6.96
C PRO A 108 2.50 8.77 -7.02
N SER A 109 2.58 7.45 -6.87
CA SER A 109 1.40 6.63 -7.05
C SER A 109 0.41 6.73 -5.89
N ASN A 110 0.89 6.75 -4.66
CA ASN A 110 -0.07 6.87 -3.56
C ASN A 110 -0.61 8.29 -3.36
N GLU A 111 0.15 9.30 -3.76
CA GLU A 111 -0.37 10.66 -3.73
C GLU A 111 -1.50 10.74 -4.75
N ASN A 112 -1.25 10.23 -5.95
CA ASN A 112 -2.26 10.18 -6.99
C ASN A 112 -3.50 9.45 -6.52
N ARG A 113 -3.29 8.31 -5.89
CA ARG A 113 -4.37 7.51 -5.35
C ARG A 113 -5.21 8.28 -4.33
N ALA A 114 -4.53 8.96 -3.41
CA ALA A 114 -5.21 9.77 -2.39
C ALA A 114 -6.03 10.90 -3.00
N LEU A 115 -5.46 11.58 -3.98
CA LEU A 115 -6.15 12.71 -4.60
C LEU A 115 -7.36 12.24 -5.39
N LEU A 116 -7.25 11.05 -6.00
CA LEU A 116 -8.38 10.47 -6.71
C LEU A 116 -9.51 10.13 -5.74
N LEU A 117 -9.17 9.59 -4.58
CA LEU A 117 -10.19 9.29 -3.58
C LEU A 117 -10.88 10.57 -3.14
N LEU A 118 -10.10 11.62 -2.87
CA LEU A 118 -10.69 12.90 -2.49
C LEU A 118 -11.58 13.45 -3.61
N GLN A 119 -11.19 13.21 -4.86
CA GLN A 119 -11.99 13.63 -6.00
C GLN A 119 -13.28 12.83 -6.05
N THR A 120 -13.16 11.51 -5.87
CA THR A 120 -14.33 10.63 -5.83
C THR A 120 -15.33 11.11 -4.78
N GLN A 121 -14.81 11.55 -3.64
CA GLN A 121 -15.65 12.00 -2.53
C GLN A 121 -16.17 13.43 -2.72
N GLY A 122 -15.79 14.07 -3.83
CA GLY A 122 -16.32 15.37 -4.19
C GLY A 122 -15.69 16.54 -3.47
N VAL A 123 -14.55 16.31 -2.82
CA VAL A 123 -13.86 17.35 -2.07
C VAL A 123 -13.07 18.27 -2.98
N ILE A 124 -12.57 17.71 -4.07
CA ILE A 124 -11.75 18.44 -5.03
C ILE A 124 -12.02 17.91 -6.44
N LYS A 125 -11.60 18.68 -7.44
CA LYS A 125 -11.59 18.21 -8.82
C LYS A 125 -10.19 18.44 -9.40
N LEU A 126 -9.62 17.41 -10.02
CA LEU A 126 -8.30 17.51 -10.64
C LEU A 126 -8.41 18.04 -12.06
N LYS A 127 -7.33 18.66 -12.54
CA LYS A 127 -7.29 19.13 -13.93
C LYS A 127 -7.44 17.93 -14.85
N ALA A 128 -7.94 18.17 -16.06
CA ALA A 128 -8.27 17.09 -16.99
C ALA A 128 -7.09 16.16 -17.29
N GLY A 129 -7.28 14.88 -17.01
CA GLY A 129 -6.29 13.86 -17.30
C GLY A 129 -5.10 13.82 -16.36
N ALA A 130 -5.18 14.55 -15.25
CA ALA A 130 -4.07 14.65 -14.32
C ALA A 130 -3.72 13.33 -13.65
N GLY A 131 -4.73 12.54 -13.32
CA GLY A 131 -4.53 11.32 -12.55
C GLY A 131 -4.92 10.03 -13.24
N THR A 132 -5.03 10.07 -14.58
CA THR A 132 -5.40 8.88 -15.33
C THR A 132 -4.39 8.56 -16.44
N GLY A 133 -4.52 7.38 -17.02
CA GLY A 133 -3.70 6.97 -18.15
C GLY A 133 -2.27 6.67 -17.77
N GLY A 134 -2.01 6.58 -16.47
CA GLY A 134 -0.66 6.35 -15.98
C GLY A 134 -0.07 7.60 -15.38
N ASN A 135 -0.70 8.74 -15.63
CA ASN A 135 -0.27 10.01 -15.06
C ASN A 135 -0.51 10.05 -13.55
N ASN A 136 0.35 10.79 -12.85
CA ASN A 136 0.18 10.97 -11.41
C ASN A 136 -0.05 12.42 -11.01
N ALA A 137 -1.16 12.67 -10.33
CA ALA A 137 -1.54 14.02 -9.91
C ALA A 137 -0.83 14.42 -8.61
N THR A 138 -0.52 15.70 -8.49
CA THR A 138 -0.07 16.26 -7.22
C THR A 138 -1.03 17.37 -6.82
N VAL A 139 -0.77 18.02 -5.69
CA VAL A 139 -1.65 19.10 -5.25
C VAL A 139 -1.67 20.27 -6.25
N LEU A 140 -0.63 20.39 -7.07
CA LEU A 140 -0.56 21.46 -8.07
C LEU A 140 -1.49 21.21 -9.24
N ASP A 141 -2.10 20.01 -9.28
CA ASP A 141 -3.00 19.64 -10.36
C ASP A 141 -4.48 19.77 -9.97
N ILE A 142 -4.73 20.30 -8.79
CA ILE A 142 -6.09 20.53 -8.34
C ILE A 142 -6.70 21.73 -9.08
N ALA A 143 -7.80 21.48 -9.78
CA ALA A 143 -8.47 22.52 -10.58
C ALA A 143 -9.59 23.21 -9.79
N GLU A 144 -10.31 22.43 -8.99
CA GLU A 144 -11.36 22.94 -8.13
C GLU A 144 -11.10 22.57 -6.69
N ASN A 145 -11.14 23.58 -5.81
CA ASN A 145 -10.96 23.40 -4.37
C ASN A 145 -11.85 24.39 -3.64
N PRO A 146 -13.16 24.12 -3.61
CA PRO A 146 -14.17 25.07 -3.10
C PRO A 146 -13.97 25.49 -1.65
N LYS A 147 -13.44 24.59 -0.82
CA LYS A 147 -13.24 24.90 0.59
C LYS A 147 -11.84 25.44 0.88
N LYS A 148 -11.05 25.60 -0.17
CA LYS A 148 -9.71 26.15 -0.05
C LYS A 148 -8.89 25.31 0.92
N LEU A 149 -9.03 23.99 0.81
CA LEU A 149 -8.30 23.06 1.65
C LEU A 149 -6.81 23.25 1.44
N LYS A 150 -6.06 23.10 2.52
CA LYS A 150 -4.60 23.15 2.48
C LYS A 150 -4.09 21.73 2.60
N ILE A 151 -3.58 21.19 1.48
CA ILE A 151 -3.21 19.79 1.45
C ILE A 151 -1.70 19.58 1.54
N SER A 152 -1.27 19.04 2.67
CA SER A 152 0.12 18.72 2.90
C SER A 152 0.43 17.38 2.24
N GLU A 153 1.61 17.29 1.63
CA GLU A 153 2.12 16.05 1.07
C GLU A 153 3.26 15.56 1.95
N LEU A 154 3.06 14.44 2.62
CA LEU A 154 3.99 13.95 3.61
C LEU A 154 4.40 12.52 3.31
N ASP A 155 5.48 12.07 3.93
CA ASP A 155 5.92 10.70 3.77
C ASP A 155 4.82 9.76 4.25
N ALA A 156 4.52 8.74 3.47
CA ALA A 156 3.39 7.86 3.76
C ALA A 156 3.42 7.30 5.18
N ALA A 157 4.60 6.95 5.68
CA ALA A 157 4.70 6.32 6.98
C ALA A 157 4.42 7.30 8.12
N GLN A 158 4.58 8.59 7.85
CA GLN A 158 4.45 9.59 8.91
C GLN A 158 3.01 10.02 9.17
N LEU A 159 2.12 9.75 8.21
CA LEU A 159 0.74 10.24 8.28
C LEU A 159 -0.05 9.96 9.57
N PRO A 160 0.04 8.72 10.12
CA PRO A 160 -0.69 8.51 11.37
C PRO A 160 -0.24 9.44 12.49
N ARG A 161 1.03 9.84 12.45
CA ARG A 161 1.58 10.68 13.51
C ARG A 161 1.40 12.18 13.32
N VAL A 162 0.62 12.58 12.32
CA VAL A 162 0.22 13.99 12.21
C VAL A 162 -1.29 14.19 12.37
N LEU A 163 -2.00 13.11 12.67
CA LEU A 163 -3.46 13.19 12.81
C LEU A 163 -3.94 14.23 13.81
N SER A 164 -3.17 14.49 14.86
CA SER A 164 -3.55 15.48 15.86
C SER A 164 -3.50 16.91 15.32
N ASP A 165 -2.79 17.09 14.21
CA ASP A 165 -2.49 18.42 13.70
C ASP A 165 -3.06 18.69 12.30
N VAL A 166 -3.95 17.83 11.83
CA VAL A 166 -4.65 18.06 10.56
C VAL A 166 -6.11 17.75 10.75
N ASP A 167 -6.93 18.17 9.79
CA ASP A 167 -8.36 17.90 9.89
C ASP A 167 -8.75 16.54 9.32
N ALA A 168 -7.96 16.02 8.39
CA ALA A 168 -8.12 14.66 7.91
C ALA A 168 -6.85 14.24 7.19
N ALA A 169 -6.63 12.95 7.07
CA ALA A 169 -5.49 12.44 6.32
C ALA A 169 -5.89 11.18 5.57
N VAL A 170 -5.33 11.02 4.38
CA VAL A 170 -5.52 9.79 3.62
C VAL A 170 -4.31 8.91 3.93
N ILE A 171 -4.54 7.73 4.51
CA ILE A 171 -3.45 6.92 5.05
C ILE A 171 -3.52 5.49 4.55
N ASN A 172 -2.41 5.02 3.99
CA ASN A 172 -2.29 3.63 3.56
C ASN A 172 -2.63 2.66 4.68
N THR A 173 -3.36 1.62 4.33
CA THR A 173 -3.89 0.70 5.32
C THR A 173 -2.81 0.03 6.20
N ASN A 174 -1.65 -0.32 5.63
CA ASN A 174 -0.60 -0.94 6.45
C ASN A 174 -0.17 -0.02 7.60
N TYR A 175 -0.04 1.26 7.30
CA TYR A 175 0.35 2.23 8.33
C TYR A 175 -0.81 2.53 9.28
N ALA A 176 -2.03 2.61 8.75
CA ALA A 176 -3.21 2.84 9.59
C ALA A 176 -3.35 1.72 10.61
N LEU A 177 -3.27 0.47 10.14
CA LEU A 177 -3.36 -0.67 11.04
C LEU A 177 -2.24 -0.67 12.09
N ALA A 178 -1.02 -0.32 11.68
CA ALA A 178 0.11 -0.34 12.60
C ALA A 178 -0.05 0.73 13.68
N ALA A 179 -0.86 1.74 13.38
CA ALA A 179 -1.14 2.82 14.31
C ALA A 179 -2.44 2.59 15.07
N ASN A 180 -2.96 1.37 14.99
CA ASN A 180 -4.20 0.97 15.66
C ASN A 180 -5.47 1.68 15.19
N LEU A 181 -5.45 2.14 13.94
CA LEU A 181 -6.65 2.59 13.27
C LEU A 181 -7.23 1.40 12.53
N GLN A 182 -8.56 1.27 12.54
CA GLN A 182 -9.20 0.19 11.80
C GLN A 182 -9.96 0.78 10.62
N PRO A 183 -9.49 0.50 9.40
CA PRO A 183 -10.11 1.06 8.19
C PRO A 183 -11.61 0.79 8.05
N THR A 184 -12.10 -0.33 8.59
CA THR A 184 -13.51 -0.67 8.46
C THR A 184 -14.39 -0.03 9.53
N LYS A 185 -13.76 0.63 10.50
CA LYS A 185 -14.50 1.24 11.61
C LYS A 185 -14.17 2.71 11.80
N ASP A 186 -12.90 3.09 11.61
CA ASP A 186 -12.46 4.45 11.93
C ASP A 186 -12.46 5.39 10.74
N ALA A 187 -12.35 4.85 9.53
CA ALA A 187 -12.24 5.70 8.35
C ALA A 187 -13.55 6.43 8.10
N ILE A 188 -13.43 7.69 7.70
CA ILE A 188 -14.59 8.49 7.39
C ILE A 188 -14.95 8.44 5.91
N ALA A 189 -14.07 7.84 5.12
CA ALA A 189 -14.34 7.53 3.73
C ALA A 189 -13.38 6.42 3.31
N LEU A 190 -13.78 5.64 2.33
CA LEU A 190 -12.99 4.50 1.92
C LEU A 190 -13.04 4.29 0.42
N GLU A 191 -11.88 3.99 -0.14
CA GLU A 191 -11.72 3.63 -1.55
C GLU A 191 -12.49 2.36 -1.87
N SER A 192 -12.90 2.21 -3.12
CA SER A 192 -13.57 1.00 -3.57
C SER A 192 -12.61 -0.16 -3.76
N LEU A 193 -13.10 -1.37 -3.60
CA LEU A 193 -12.32 -2.57 -3.89
C LEU A 193 -12.03 -2.74 -5.38
N THR A 194 -12.74 -2.00 -6.22
CA THR A 194 -12.52 -2.06 -7.66
C THR A 194 -11.50 -1.01 -8.05
N SER A 195 -10.31 -1.13 -7.50
CA SER A 195 -9.21 -0.20 -7.76
C SER A 195 -8.04 -1.01 -8.32
N PRO A 196 -7.03 -0.31 -8.86
CA PRO A 196 -5.87 -1.04 -9.39
C PRO A 196 -4.79 -1.33 -8.34
N TYR A 197 -5.12 -1.27 -7.06
CA TYR A 197 -4.09 -1.29 -6.02
C TYR A 197 -3.86 -2.61 -5.28
N ALA A 198 -4.15 -3.73 -5.92
CA ALA A 198 -3.79 -5.01 -5.32
C ALA A 198 -2.29 -5.05 -5.09
N ASN A 199 -1.90 -5.58 -3.95
CA ASN A 199 -0.50 -5.71 -3.63
C ASN A 199 0.06 -6.98 -4.26
N LEU A 200 1.39 -7.11 -4.26
CA LEU A 200 2.01 -8.17 -5.05
C LEU A 200 3.35 -8.60 -4.45
N ILE A 201 3.78 -9.79 -4.85
CA ILE A 201 5.14 -10.24 -4.59
C ILE A 201 6.00 -9.90 -5.80
N ALA A 202 7.12 -9.22 -5.57
CA ALA A 202 8.03 -8.83 -6.64
C ALA A 202 9.32 -9.63 -6.57
N VAL A 203 9.86 -9.96 -7.74
CA VAL A 203 11.16 -10.62 -7.84
C VAL A 203 11.95 -9.99 -8.98
N ARG A 204 13.25 -10.25 -9.01
CA ARG A 204 14.05 -9.80 -10.15
C ARG A 204 13.55 -10.50 -11.41
N ALA A 205 13.51 -9.76 -12.52
CA ALA A 205 13.09 -10.30 -13.81
C ALA A 205 13.83 -11.58 -14.17
N LYS A 206 15.13 -11.59 -13.93
CA LYS A 206 15.96 -12.75 -14.27
C LYS A 206 15.61 -13.99 -13.45
N ASP A 207 14.92 -13.80 -12.32
CA ASP A 207 14.57 -14.91 -11.44
C ASP A 207 13.14 -15.37 -11.61
N LYS A 208 12.39 -14.72 -12.51
CA LYS A 208 10.94 -14.87 -12.52
C LYS A 208 10.49 -16.30 -12.82
N ASP A 209 11.34 -17.07 -13.49
CA ASP A 209 10.98 -18.44 -13.84
C ASP A 209 11.66 -19.49 -12.97
N GLN A 210 12.33 -19.06 -11.91
CA GLN A 210 12.95 -20.01 -10.99
CA GLN A 210 12.95 -19.98 -10.95
C GLN A 210 11.88 -20.81 -10.25
N PRO A 211 12.12 -22.11 -10.06
CA PRO A 211 11.10 -22.93 -9.38
C PRO A 211 10.68 -22.42 -8.01
N TRP A 212 11.58 -21.80 -7.24
CA TRP A 212 11.21 -21.34 -5.90
C TRP A 212 10.16 -20.24 -5.96
N VAL A 213 10.09 -19.51 -7.06
CA VAL A 213 9.17 -18.40 -7.17
C VAL A 213 7.72 -18.89 -7.13
N LYS A 214 7.37 -19.84 -7.97
CA LYS A 214 6.01 -20.38 -7.97
C LYS A 214 5.70 -21.00 -6.61
N LYS A 215 6.70 -21.65 -6.00
CA LYS A 215 6.51 -22.27 -4.70
C LYS A 215 6.23 -21.22 -3.62
N LEU A 216 6.99 -20.11 -3.65
CA LEU A 216 6.78 -19.03 -2.70
C LEU A 216 5.38 -18.43 -2.85
N VAL A 217 4.98 -18.18 -4.10
CA VAL A 217 3.67 -17.59 -4.36
C VAL A 217 2.58 -18.55 -3.90
N LYS A 218 2.80 -19.85 -4.07
CA LYS A 218 1.86 -20.87 -3.61
C LYS A 218 1.69 -20.84 -2.09
N ALA A 219 2.80 -20.66 -1.39
CA ALA A 219 2.81 -20.52 0.06
C ALA A 219 2.01 -19.30 0.51
N TYR A 220 2.14 -18.19 -0.21
CA TYR A 220 1.40 -17.00 0.15
C TYR A 220 -0.08 -17.22 -0.17
N GLN A 221 -0.34 -17.73 -1.36
CA GLN A 221 -1.71 -17.88 -1.86
C GLN A 221 -2.31 -19.19 -1.35
N SER A 222 -2.35 -19.32 -0.04
CA SER A 222 -2.73 -20.55 0.62
C SER A 222 -3.95 -20.34 1.50
N PRO A 223 -4.69 -21.41 1.81
CA PRO A 223 -5.84 -21.29 2.72
C PRO A 223 -5.44 -20.72 4.09
N GLU A 224 -4.29 -21.13 4.60
CA GLU A 224 -3.82 -20.66 5.91
C GLU A 224 -3.66 -19.15 5.92
N VAL A 225 -3.04 -18.62 4.87
CA VAL A 225 -2.81 -17.18 4.78
C VAL A 225 -4.11 -16.39 4.56
N LYS A 226 -4.98 -16.90 3.70
CA LYS A 226 -6.27 -16.26 3.47
C LYS A 226 -7.06 -16.20 4.77
N GLU A 227 -7.05 -17.29 5.52
CA GLU A 227 -7.77 -17.35 6.80
C GLU A 227 -7.18 -16.33 7.77
N PHE A 228 -5.85 -16.25 7.81
CA PHE A 228 -5.20 -15.29 8.69
C PHE A 228 -5.58 -13.85 8.32
N ILE A 229 -5.49 -13.53 7.04
CA ILE A 229 -5.85 -12.19 6.59
C ILE A 229 -7.28 -11.80 6.96
N LYS A 230 -8.23 -12.71 6.73
CA LYS A 230 -9.63 -12.46 7.07
C LYS A 230 -9.79 -12.16 8.57
N LYS A 231 -9.25 -13.05 9.39
CA LYS A 231 -9.45 -13.00 10.83
C LYS A 231 -8.73 -11.82 11.48
N GLN A 232 -7.49 -11.60 11.08
CA GLN A 232 -6.63 -10.64 11.77
C GLN A 232 -6.98 -9.19 11.42
N PHE A 233 -7.37 -8.94 10.18
CA PHE A 233 -7.51 -7.57 9.71
C PHE A 233 -8.95 -7.14 9.43
N LYS A 234 -9.89 -8.03 9.74
CA LYS A 234 -11.31 -7.68 9.88
C LYS A 234 -11.97 -7.12 8.61
N GLY A 235 -11.42 -7.46 7.44
CA GLY A 235 -11.99 -6.98 6.20
C GLY A 235 -11.27 -5.80 5.58
N SER A 236 -10.34 -5.21 6.31
CA SER A 236 -9.57 -4.07 5.79
C SER A 236 -8.58 -4.52 4.71
N MET A 237 -8.26 -5.81 4.70
CA MET A 237 -7.41 -6.41 3.68
C MET A 237 -8.18 -7.59 3.12
N VAL A 238 -8.26 -7.65 1.80
CA VAL A 238 -9.00 -8.68 1.10
C VAL A 238 -8.03 -9.46 0.22
N ALA A 239 -8.00 -10.79 0.40
CA ALA A 239 -7.08 -11.61 -0.37
C ALA A 239 -7.28 -11.42 -1.85
N SER A 240 -6.18 -11.43 -2.59
CA SER A 240 -6.24 -11.30 -4.04
C SER A 240 -6.06 -12.65 -4.73
N PHE A 241 -6.46 -13.72 -4.05
CA PHE A 241 -6.36 -15.07 -4.56
C PHE A 241 -7.47 -15.90 -3.94
N MET B . 0.13 -1.94 1.34
CA MET B . 0.09 -0.61 0.72
C MET B . -1.29 -0.33 0.16
O MET B . -1.89 -1.22 -0.43
CB MET B . 1.15 -0.53 -0.38
CG MET B . 1.23 0.84 -1.07
SD MET B . 2.45 0.87 -2.41
CE MET B . 3.98 0.69 -1.49
OXT MET B . -1.82 0.79 0.30
C1 PEG C . 4.44 -1.86 13.07
O1 PEG C . 5.73 -1.60 13.62
C2 PEG C . 3.83 -3.12 13.75
O2 PEG C . 2.39 -2.97 13.82
C3 PEG C . 1.65 -4.15 13.63
C4 PEG C . 0.22 -3.80 13.32
O4 PEG C . -0.36 -4.76 12.48
#